data_6JZJ
#
_entry.id   6JZJ
#
_cell.length_a   58.030
_cell.length_b   85.950
_cell.length_c   102.090
_cell.angle_alpha   90.00
_cell.angle_beta   90.00
_cell.angle_gamma   90.00
#
_symmetry.space_group_name_H-M   'P 21 21 21'
#
loop_
_entity.id
_entity.type
_entity.pdbx_description
1 polymer 'Major fimbrium subunit FimA type-2'
2 non-polymer 'SULFATE ION'
3 water water
#
_entity_poly.entity_id   1
_entity_poly.type   'polypeptide(L)'
_entity_poly.pdbx_seq_one_letter_code
;GSMNKDNEAEPVTEGNATISVVLKTSNSNRAFGVGDDESKVAKLTVMVYNGEQQEAIKSAENATKVEDIKCSAGQRTLVV
MANTGAMELVGKTLAEVKALTTELTAENQEATGLIMTAEPVDVTLVAGNNYYGYDGSQGGNQISQDTPLEIKRVHARMAF
TEIKVQMSQSYVNKYNFAPENIYALVAKKESNLFGASLANSDDAYLTGSLTNFSGAYTPANYTHVDWLGRDYTEIGAATV
NTPKGFYVLESTYAQNAGLRPTILCVKGKLTKHDGAPLSPEEMTAAFNAGWIVADNDPTTYYPVLVNFNSNNYTYDNGYT
PKNKIERNHKYDIKLTITGPGTNNPENPITESAHLNVKCTVAEWVLVGQNATW
;
_entity_poly.pdbx_strand_id   A
#
loop_
_chem_comp.id
_chem_comp.type
_chem_comp.name
_chem_comp.formula
SO4 non-polymer 'SULFATE ION' 'O4 S -2'
#
# COMPACT_ATOMS: atom_id res chain seq x y z
N GLY A 15 -26.10 31.86 -0.64
CA GLY A 15 -26.36 30.83 0.32
C GLY A 15 -27.84 30.46 0.47
N ASN A 16 -28.45 29.93 -0.57
CA ASN A 16 -29.85 29.53 -0.51
C ASN A 16 -30.04 28.02 -0.45
N ALA A 17 -28.98 27.24 -0.19
CA ALA A 17 -29.11 25.81 -0.03
C ALA A 17 -28.14 25.30 1.02
N THR A 18 -28.40 24.10 1.51
CA THR A 18 -27.43 23.34 2.29
C THR A 18 -27.31 21.95 1.68
N ILE A 19 -26.15 21.32 1.88
CA ILE A 19 -25.93 19.93 1.54
C ILE A 19 -25.33 19.21 2.74
N SER A 20 -25.81 18.00 3.01
CA SER A 20 -25.26 17.09 3.99
C SER A 20 -24.89 15.79 3.31
N VAL A 21 -23.76 15.19 3.70
CA VAL A 21 -23.22 14.00 3.05
C VAL A 21 -22.89 12.96 4.12
N VAL A 22 -23.39 11.73 3.94
CA VAL A 22 -23.07 10.63 4.84
C VAL A 22 -22.33 9.54 4.06
N LEU A 23 -21.32 8.95 4.70
CA LEU A 23 -20.48 7.93 4.10
C LEU A 23 -21.06 6.53 4.28
N LYS A 24 -20.71 5.65 3.34
CA LYS A 24 -21.02 4.24 3.47
C LYS A 24 -20.11 3.60 4.52
N THR A 25 -20.71 2.94 5.51
CA THR A 25 -19.95 2.22 6.52
C THR A 25 -20.47 0.79 6.60
N SER A 26 -19.62 -0.09 7.10
CA SER A 26 -19.93 -1.52 7.21
C SER A 26 -21.23 -1.76 7.99
N ASP A 36 -7.01 -5.76 8.11
CA ASP A 36 -6.55 -5.62 9.49
C ASP A 36 -6.20 -4.16 9.74
N ASP A 37 -6.58 -3.66 10.92
CA ASP A 37 -6.70 -2.23 11.17
C ASP A 37 -7.49 -1.58 10.01
N GLU A 38 -8.78 -1.92 9.99
CA GLU A 38 -9.65 -1.50 8.91
C GLU A 38 -9.78 0.02 8.89
N SER A 39 -10.35 0.52 7.80
CA SER A 39 -10.35 1.96 7.55
C SER A 39 -11.22 2.67 8.57
N LYS A 40 -10.70 3.77 9.11
CA LYS A 40 -11.40 4.63 10.06
C LYS A 40 -11.15 6.09 9.67
N VAL A 41 -12.16 6.91 9.87
CA VAL A 41 -12.09 8.33 9.54
C VAL A 41 -11.74 9.11 10.79
N ALA A 42 -10.58 9.76 10.78
CA ALA A 42 -10.19 10.71 11.82
C ALA A 42 -10.67 12.11 11.52
N LYS A 43 -10.61 12.51 10.25
CA LYS A 43 -11.13 13.81 9.83
C LYS A 43 -11.73 13.64 8.45
N LEU A 44 -12.82 14.38 8.20
CA LEU A 44 -13.57 14.28 6.95
C LEU A 44 -13.83 15.67 6.43
N THR A 45 -13.55 15.91 5.15
CA THR A 45 -13.73 17.22 4.53
C THR A 45 -14.61 17.04 3.30
N VAL A 46 -15.66 17.87 3.20
CA VAL A 46 -16.55 17.90 2.03
C VAL A 46 -16.41 19.27 1.37
N MET A 47 -16.16 19.27 0.06
CA MET A 47 -16.04 20.49 -0.72
C MET A 47 -17.15 20.54 -1.76
N VAL A 48 -17.71 21.72 -1.97
CA VAL A 48 -18.81 21.95 -2.91
C VAL A 48 -18.30 22.88 -4.00
N TYR A 49 -18.35 22.42 -5.25
CA TYR A 49 -17.79 23.16 -6.38
C TYR A 49 -18.88 23.66 -7.31
N ASN A 50 -18.78 24.92 -7.70
CA ASN A 50 -19.57 25.51 -8.78
C ASN A 50 -18.63 25.63 -9.97
N GLY A 51 -18.72 24.67 -10.89
CA GLY A 51 -17.64 24.55 -11.88
C GLY A 51 -16.31 24.34 -11.17
N GLU A 52 -15.28 25.03 -11.66
CA GLU A 52 -13.94 24.90 -11.08
C GLU A 52 -13.81 25.58 -9.72
N GLN A 53 -14.74 26.46 -9.35
CA GLN A 53 -14.55 27.33 -8.19
C GLN A 53 -15.16 26.69 -6.94
N GLN A 54 -14.39 26.66 -5.85
CA GLN A 54 -14.86 26.11 -4.60
C GLN A 54 -15.87 27.05 -3.97
N GLU A 55 -17.14 26.63 -3.88
CA GLU A 55 -18.19 27.44 -3.30
C GLU A 55 -18.24 27.28 -1.78
N ALA A 56 -17.98 26.08 -1.28
CA ALA A 56 -18.04 25.79 0.15
C ALA A 56 -17.07 24.68 0.51
N ILE A 57 -16.66 24.68 1.78
CA ILE A 57 -15.83 23.61 2.35
C ILE A 57 -16.18 23.50 3.83
N LYS A 58 -16.33 22.27 4.30
CA LYS A 58 -16.63 22.04 5.71
C LYS A 58 -16.04 20.71 6.13
N SER A 59 -15.48 20.67 7.34
N SER A 59 -15.50 20.67 7.35
CA SER A 59 -14.90 19.43 7.85
CA SER A 59 -14.89 19.48 7.89
C SER A 59 -15.51 19.07 9.19
C SER A 59 -15.61 19.04 9.16
N ALA A 60 -15.40 17.78 9.53
CA ALA A 60 -15.83 17.23 10.80
C ALA A 60 -14.78 16.22 11.25
N GLU A 61 -14.61 16.10 12.57
CA GLU A 61 -13.59 15.25 13.15
C GLU A 61 -14.24 14.03 13.79
N ASN A 62 -13.62 12.85 13.63
CA ASN A 62 -14.09 11.61 14.27
C ASN A 62 -15.56 11.34 13.93
N ALA A 63 -15.89 11.44 12.65
CA ALA A 63 -17.25 11.22 12.17
C ALA A 63 -17.22 10.74 10.72
N THR A 64 -18.32 10.11 10.30
CA THR A 64 -18.46 9.63 8.93
C THR A 64 -19.57 10.37 8.18
N LYS A 65 -19.81 11.61 8.55
CA LYS A 65 -20.70 12.50 7.82
C LYS A 65 -20.29 13.94 8.09
N VAL A 66 -20.62 14.83 7.14
CA VAL A 66 -20.53 16.28 7.33
C VAL A 66 -21.87 16.87 6.90
N GLU A 67 -22.46 17.71 7.77
CA GLU A 67 -23.83 18.16 7.55
C GLU A 67 -23.95 19.68 7.52
N ASP A 68 -25.03 20.16 6.90
CA ASP A 68 -25.43 21.56 6.97
C ASP A 68 -24.35 22.47 6.37
N ILE A 69 -23.87 22.09 5.19
CA ILE A 69 -22.88 22.87 4.47
C ILE A 69 -23.61 23.93 3.65
N LYS A 70 -23.35 25.20 3.95
CA LYS A 70 -24.04 26.29 3.27
C LYS A 70 -23.49 26.49 1.87
N CYS A 71 -24.37 26.54 0.88
CA CYS A 71 -23.98 26.73 -0.51
C CYS A 71 -25.20 27.28 -1.25
N SER A 72 -25.23 27.09 -2.57
CA SER A 72 -26.35 27.63 -3.34
C SER A 72 -26.86 26.58 -4.32
N ALA A 73 -28.13 26.75 -4.71
CA ALA A 73 -28.78 25.81 -5.61
C ALA A 73 -28.21 25.89 -7.02
N GLY A 74 -28.23 24.75 -7.72
CA GLY A 74 -27.76 24.63 -9.08
C GLY A 74 -26.98 23.35 -9.26
N GLN A 75 -26.29 23.24 -10.40
CA GLN A 75 -25.41 22.11 -10.66
C GLN A 75 -24.13 22.32 -9.86
N ARG A 76 -23.80 21.35 -8.98
CA ARG A 76 -22.62 21.45 -8.15
C ARG A 76 -21.91 20.11 -8.12
N THR A 77 -20.63 20.14 -7.75
CA THR A 77 -19.84 18.92 -7.66
C THR A 77 -19.36 18.75 -6.22
N LEU A 78 -19.55 17.55 -5.67
CA LEU A 78 -19.12 17.25 -4.31
C LEU A 78 -17.82 16.45 -4.35
N VAL A 79 -16.83 16.90 -3.57
CA VAL A 79 -15.53 16.24 -3.46
C VAL A 79 -15.27 15.95 -2.00
N VAL A 80 -14.98 14.70 -1.68
CA VAL A 80 -14.89 14.26 -0.29
C VAL A 80 -13.55 13.59 -0.05
N MET A 81 -12.86 14.02 1.00
CA MET A 81 -11.55 13.49 1.38
C MET A 81 -11.48 13.26 2.87
N ALA A 82 -10.79 12.20 3.29
CA ALA A 82 -10.63 11.91 4.71
C ALA A 82 -9.16 11.79 5.05
N ASN A 83 -8.84 12.12 6.31
CA ASN A 83 -7.52 11.84 6.91
C ASN A 83 -6.39 12.56 6.18
N THR A 84 -6.65 13.81 5.77
CA THR A 84 -5.70 14.56 4.96
C THR A 84 -4.72 15.39 5.79
N GLY A 85 -4.81 15.36 7.11
CA GLY A 85 -3.81 15.99 7.95
C GLY A 85 -3.65 17.48 7.64
N ALA A 86 -2.41 17.88 7.39
CA ALA A 86 -2.04 19.27 7.20
C ALA A 86 -2.28 19.76 5.78
N MET A 87 -2.88 18.95 4.91
CA MET A 87 -3.10 19.34 3.52
C MET A 87 -4.02 20.56 3.46
N GLU A 88 -3.60 21.57 2.68
CA GLU A 88 -4.40 22.77 2.50
C GLU A 88 -5.43 22.53 1.39
N LEU A 89 -6.72 22.65 1.74
CA LEU A 89 -7.79 22.47 0.77
C LEU A 89 -8.64 23.70 0.54
N VAL A 90 -8.63 24.67 1.47
CA VAL A 90 -9.51 25.83 1.32
C VAL A 90 -9.11 26.62 0.09
N GLY A 91 -10.10 26.92 -0.75
CA GLY A 91 -9.93 27.78 -1.90
C GLY A 91 -9.34 27.11 -3.11
N LYS A 92 -8.92 25.85 -3.03
CA LYS A 92 -8.35 25.18 -4.18
C LYS A 92 -9.41 25.00 -5.25
N THR A 93 -9.00 25.14 -6.52
CA THR A 93 -9.94 24.87 -7.61
C THR A 93 -10.16 23.37 -7.72
N LEU A 94 -11.18 23.00 -8.51
CA LEU A 94 -11.45 21.59 -8.73
C LEU A 94 -10.24 20.91 -9.39
N ALA A 95 -9.64 21.58 -10.39
CA ALA A 95 -8.45 21.04 -11.03
C ALA A 95 -7.31 20.86 -10.04
N GLU A 96 -7.11 21.85 -9.15
CA GLU A 96 -6.03 21.72 -8.18
C GLU A 96 -6.28 20.54 -7.24
N VAL A 97 -7.51 20.34 -6.80
CA VAL A 97 -7.78 19.25 -5.86
C VAL A 97 -7.55 17.91 -6.54
N LYS A 98 -8.02 17.75 -7.77
CA LYS A 98 -7.83 16.49 -8.48
C LYS A 98 -6.39 16.22 -8.81
N ALA A 99 -5.54 17.25 -8.77
CA ALA A 99 -4.11 17.09 -9.01
C ALA A 99 -3.30 16.87 -7.73
N LEU A 100 -3.94 16.81 -6.56
CA LEU A 100 -3.20 16.68 -5.32
C LEU A 100 -2.49 15.34 -5.24
N THR A 101 -1.32 15.37 -4.62
CA THR A 101 -0.51 14.16 -4.42
C THR A 101 -0.26 13.94 -2.93
N THR A 102 0.27 12.75 -2.61
CA THR A 102 0.70 12.46 -1.25
C THR A 102 1.99 11.67 -1.32
N GLU A 103 2.82 11.81 -0.29
CA GLU A 103 4.06 11.06 -0.13
C GLU A 103 3.91 10.02 0.97
N LEU A 104 4.61 8.89 0.80
CA LEU A 104 4.63 7.87 1.84
C LEU A 104 5.43 8.38 3.04
N THR A 105 4.93 8.09 4.25
CA THR A 105 5.53 8.60 5.48
C THR A 105 5.73 7.51 6.53
N ALA A 106 6.58 7.83 7.50
CA ALA A 106 6.75 6.97 8.66
C ALA A 106 5.43 6.76 9.39
N GLU A 107 4.63 7.82 9.54
CA GLU A 107 3.39 7.63 10.30
C GLU A 107 2.39 6.77 9.54
N ASN A 108 2.46 6.75 8.20
CA ASN A 108 1.66 5.80 7.43
C ASN A 108 1.90 4.37 7.89
N GLN A 109 3.14 4.06 8.31
CA GLN A 109 3.45 2.70 8.73
C GLN A 109 2.79 2.33 10.04
N GLU A 110 2.31 3.30 10.80
CA GLU A 110 1.47 3.06 11.96
C GLU A 110 -0.02 3.17 11.63
N ALA A 111 -0.36 3.16 10.34
CA ALA A 111 -1.74 3.32 9.84
C ALA A 111 -2.34 4.66 10.23
N THR A 112 -1.49 5.69 10.33
CA THR A 112 -1.91 7.06 10.56
C THR A 112 -1.78 7.85 9.27
N GLY A 113 -2.72 8.77 9.02
CA GLY A 113 -2.64 9.56 7.82
C GLY A 113 -2.98 8.79 6.56
N LEU A 114 -3.77 7.71 6.67
CA LEU A 114 -4.15 6.90 5.52
C LEU A 114 -5.32 7.59 4.82
N ILE A 115 -4.96 8.48 3.90
CA ILE A 115 -5.92 9.32 3.19
C ILE A 115 -6.95 8.47 2.46
N MET A 116 -8.20 8.94 2.48
CA MET A 116 -9.27 8.30 1.72
C MET A 116 -9.94 9.33 0.83
N THR A 117 -10.34 8.91 -0.37
CA THR A 117 -11.06 9.79 -1.27
C THR A 117 -12.18 9.04 -1.97
N ALA A 118 -13.17 9.82 -2.42
CA ALA A 118 -14.15 9.38 -3.41
C ALA A 118 -13.97 10.26 -4.65
N GLU A 119 -14.31 9.72 -5.82
CA GLU A 119 -14.26 10.55 -7.00
C GLU A 119 -15.28 11.69 -6.89
N PRO A 120 -14.95 12.87 -7.41
CA PRO A 120 -15.94 13.96 -7.48
C PRO A 120 -17.23 13.45 -8.11
N VAL A 121 -18.37 13.86 -7.53
CA VAL A 121 -19.67 13.44 -8.04
C VAL A 121 -20.52 14.68 -8.32
N ASP A 122 -21.17 14.70 -9.48
CA ASP A 122 -21.94 15.86 -9.90
C ASP A 122 -23.40 15.68 -9.49
N VAL A 123 -23.97 16.70 -8.87
CA VAL A 123 -25.33 16.64 -8.34
C VAL A 123 -26.06 17.92 -8.72
N THR A 124 -27.38 17.89 -8.53
CA THR A 124 -28.20 19.10 -8.61
C THR A 124 -28.72 19.41 -7.20
N LEU A 125 -28.37 20.59 -6.70
CA LEU A 125 -28.91 21.08 -5.44
C LEU A 125 -30.10 21.98 -5.75
N VAL A 126 -31.14 21.86 -4.94
CA VAL A 126 -32.28 22.76 -5.02
C VAL A 126 -32.26 23.65 -3.78
N ALA A 127 -33.02 24.74 -3.84
CA ALA A 127 -33.09 25.64 -2.71
C ALA A 127 -33.56 24.87 -1.47
N GLY A 128 -33.03 25.25 -0.32
CA GLY A 128 -33.35 24.54 0.91
C GLY A 128 -32.33 23.48 1.22
N ASN A 129 -32.76 22.49 2.02
CA ASN A 129 -31.85 21.45 2.49
C ASN A 129 -31.76 20.31 1.48
N ASN A 130 -30.54 19.89 1.19
CA ASN A 130 -30.27 18.74 0.33
C ASN A 130 -29.50 17.70 1.14
N TYR A 131 -29.74 16.43 0.83
CA TYR A 131 -29.10 15.32 1.53
C TYR A 131 -28.55 14.33 0.52
N TYR A 132 -27.31 13.87 0.76
CA TYR A 132 -26.68 12.87 -0.10
C TYR A 132 -26.45 11.61 0.73
N GLY A 133 -27.12 10.52 0.38
CA GLY A 133 -26.88 9.22 0.99
C GLY A 133 -27.73 8.89 2.21
N TYR A 134 -28.70 9.73 2.55
CA TYR A 134 -29.52 9.56 3.74
C TYR A 134 -30.73 8.67 3.44
N ASP A 135 -31.50 8.36 4.48
CA ASP A 135 -32.57 7.37 4.35
C ASP A 135 -33.92 7.98 3.94
N GLY A 136 -34.00 9.29 3.73
CA GLY A 136 -35.21 9.94 3.27
C GLY A 136 -36.07 10.54 4.36
N SER A 137 -35.85 10.15 5.62
CA SER A 137 -36.71 10.63 6.71
C SER A 137 -36.49 12.09 7.04
N GLN A 138 -35.45 12.73 6.48
CA GLN A 138 -35.11 14.11 6.80
C GLN A 138 -35.94 15.11 6.02
N GLY A 139 -36.67 14.68 5.00
CA GLY A 139 -37.33 15.63 4.12
C GLY A 139 -36.33 16.28 3.18
N GLY A 140 -36.65 17.50 2.74
CA GLY A 140 -35.73 18.18 1.84
C GLY A 140 -35.58 17.45 0.52
N ASN A 141 -34.49 17.77 -0.18
CA ASN A 141 -34.19 17.15 -1.46
C ASN A 141 -33.21 16.00 -1.24
N GLN A 142 -33.66 14.79 -1.51
CA GLN A 142 -32.87 13.59 -1.26
C GLN A 142 -32.13 13.19 -2.52
N ILE A 143 -30.80 13.18 -2.45
CA ILE A 143 -29.93 12.74 -3.52
C ILE A 143 -29.30 11.43 -3.09
N SER A 144 -29.19 10.48 -4.02
CA SER A 144 -28.57 9.19 -3.75
C SER A 144 -29.16 8.58 -2.48
N GLN A 145 -30.49 8.61 -2.40
CA GLN A 145 -31.17 8.14 -1.19
C GLN A 145 -30.87 6.66 -0.95
N ASP A 146 -30.58 6.34 0.31
CA ASP A 146 -30.22 4.99 0.76
C ASP A 146 -28.95 4.46 0.11
N THR A 147 -28.15 5.34 -0.49
CA THR A 147 -26.91 4.96 -1.16
C THR A 147 -25.80 5.90 -0.71
N PRO A 148 -25.30 5.72 0.50
CA PRO A 148 -24.28 6.65 1.02
C PRO A 148 -22.98 6.60 0.23
N LEU A 149 -22.19 7.65 0.41
CA LEU A 149 -20.99 7.86 -0.39
C LEU A 149 -19.86 6.91 0.02
N GLU A 150 -19.33 6.15 -0.93
CA GLU A 150 -18.23 5.24 -0.65
C GLU A 150 -16.91 5.97 -0.82
N ILE A 151 -16.08 5.97 0.21
CA ILE A 151 -14.72 6.50 0.11
C ILE A 151 -13.75 5.37 0.38
N LYS A 152 -12.53 5.48 -0.18
CA LYS A 152 -11.56 4.39 -0.11
C LYS A 152 -10.15 4.91 0.14
N ARG A 153 -9.37 4.11 0.86
CA ARG A 153 -7.96 4.41 1.06
C ARG A 153 -7.22 4.53 -0.27
N VAL A 154 -6.21 5.39 -0.29
CA VAL A 154 -5.30 5.47 -1.41
C VAL A 154 -4.09 4.57 -1.19
N HIS A 155 -3.80 4.16 0.04
CA HIS A 155 -2.69 3.26 0.36
C HIS A 155 -3.12 1.81 0.19
N ALA A 156 -2.11 0.94 0.05
CA ALA A 156 -2.27 -0.51 0.15
C ALA A 156 -1.38 -1.01 1.28
N ARG A 157 -1.60 -2.27 1.68
CA ARG A 157 -0.71 -2.90 2.66
C ARG A 157 -0.14 -4.19 2.08
N MET A 158 1.15 -4.40 2.28
CA MET A 158 1.80 -5.65 1.94
C MET A 158 2.42 -6.22 3.21
N ALA A 159 2.14 -7.47 3.53
CA ALA A 159 2.62 -8.00 4.80
C ALA A 159 2.75 -9.51 4.73
N PHE A 160 3.70 -10.02 5.49
CA PHE A 160 3.83 -11.45 5.70
C PHE A 160 2.81 -11.91 6.73
N THR A 161 2.04 -12.95 6.38
CA THR A 161 1.24 -13.67 7.36
C THR A 161 1.82 -15.03 7.68
N GLU A 162 2.91 -15.42 7.01
CA GLU A 162 3.67 -16.61 7.36
C GLU A 162 5.02 -16.52 6.66
N ILE A 163 6.08 -16.89 7.37
CA ILE A 163 7.37 -17.20 6.78
C ILE A 163 7.77 -18.56 7.35
N LYS A 164 7.99 -19.53 6.47
CA LYS A 164 8.27 -20.90 6.86
C LYS A 164 9.44 -21.42 6.04
N VAL A 165 10.35 -22.15 6.70
CA VAL A 165 11.48 -22.79 6.02
C VAL A 165 11.10 -24.24 5.78
N GLN A 166 11.12 -24.65 4.50
CA GLN A 166 10.86 -26.04 4.11
C GLN A 166 11.85 -26.34 2.98
N MET A 167 13.10 -26.64 3.34
CA MET A 167 14.14 -26.82 2.35
C MET A 167 13.88 -28.06 1.50
N SER A 168 14.13 -27.93 0.20
CA SER A 168 14.08 -29.04 -0.75
C SER A 168 15.30 -29.96 -0.55
N GLN A 169 15.33 -31.07 -1.29
CA GLN A 169 16.18 -32.19 -0.87
C GLN A 169 17.68 -31.89 -0.95
N SER A 170 18.12 -30.99 -1.83
CA SER A 170 19.55 -30.71 -1.89
C SER A 170 19.99 -29.70 -0.84
N TYR A 171 19.04 -29.09 -0.11
CA TYR A 171 19.37 -28.08 0.89
C TYR A 171 18.97 -28.47 2.30
N VAL A 172 18.09 -29.46 2.47
CA VAL A 172 17.50 -29.72 3.78
C VAL A 172 18.56 -30.21 4.78
N ASN A 173 19.58 -30.92 4.33
CA ASN A 173 20.63 -31.38 5.23
C ASN A 173 21.83 -30.44 5.24
N LYS A 174 21.73 -29.30 4.56
CA LYS A 174 22.85 -28.38 4.42
C LYS A 174 22.60 -27.02 5.06
N TYR A 175 21.40 -26.48 4.93
CA TYR A 175 21.13 -25.07 5.21
C TYR A 175 19.90 -24.86 6.07
N ASN A 176 19.91 -23.75 6.80
CA ASN A 176 18.70 -23.19 7.39
C ASN A 176 18.79 -21.68 7.24
N PHE A 177 17.84 -20.97 7.84
CA PHE A 177 17.74 -19.52 7.68
C PHE A 177 17.43 -18.90 9.03
N ALA A 178 18.25 -17.93 9.44
CA ALA A 178 18.02 -17.15 10.64
C ALA A 178 17.60 -15.75 10.27
N PRO A 179 16.32 -15.40 10.40
CA PRO A 179 15.85 -14.09 9.93
C PRO A 179 16.36 -12.96 10.82
N GLU A 180 16.52 -11.77 10.21
CA GLU A 180 16.95 -10.56 10.91
C GLU A 180 16.02 -9.38 10.69
N ASN A 181 15.57 -9.14 9.46
CA ASN A 181 14.78 -7.95 9.15
C ASN A 181 13.76 -8.24 8.05
N ILE A 182 12.70 -7.43 8.02
CA ILE A 182 11.84 -7.37 6.83
C ILE A 182 11.88 -5.95 6.30
N TYR A 183 11.72 -5.81 4.98
CA TYR A 183 11.91 -4.54 4.29
C TYR A 183 10.87 -4.35 3.19
N ALA A 184 10.56 -3.08 2.94
CA ALA A 184 9.95 -2.65 1.69
C ALA A 184 11.06 -2.13 0.78
N LEU A 185 11.13 -2.67 -0.44
CA LEU A 185 12.09 -2.23 -1.45
C LEU A 185 11.33 -1.69 -2.67
N VAL A 186 11.95 -0.73 -3.37
CA VAL A 186 11.40 -0.17 -4.60
C VAL A 186 9.97 0.31 -4.34
N ALA A 187 9.78 1.00 -3.22
CA ALA A 187 8.47 1.53 -2.84
C ALA A 187 8.29 2.90 -3.48
N LYS A 188 7.20 3.09 -4.21
CA LYS A 188 6.97 4.36 -4.90
C LYS A 188 6.71 5.48 -3.89
N LYS A 189 7.40 6.61 -4.05
CA LYS A 189 7.40 7.62 -2.99
C LYS A 189 6.09 8.41 -2.94
N GLU A 190 5.51 8.70 -4.10
CA GLU A 190 4.28 9.49 -4.09
C GLU A 190 3.27 8.94 -5.08
N SER A 191 2.01 9.32 -4.88
CA SER A 191 0.95 8.98 -5.82
C SER A 191 -0.05 10.12 -5.88
N ASN A 192 -0.99 9.99 -6.81
CA ASN A 192 -2.13 10.87 -6.87
C ASN A 192 -3.16 10.42 -5.85
N LEU A 193 -4.24 11.20 -5.74
CA LEU A 193 -5.32 10.91 -4.81
C LEU A 193 -6.66 10.68 -5.48
N PHE A 194 -6.82 11.09 -6.73
CA PHE A 194 -8.04 10.88 -7.51
C PHE A 194 -7.68 10.30 -8.86
N GLY A 195 -8.66 9.62 -9.47
CA GLY A 195 -8.47 9.06 -10.80
C GLY A 195 -8.66 7.56 -10.82
N ALA A 196 -8.92 6.98 -12.01
CA ALA A 196 -9.10 5.54 -12.09
C ALA A 196 -7.83 4.78 -11.73
N SER A 197 -6.67 5.40 -11.90
CA SER A 197 -5.40 4.87 -11.40
C SER A 197 -4.66 5.99 -10.71
N LEU A 198 -4.11 5.71 -9.52
CA LEU A 198 -3.41 6.74 -8.76
C LEU A 198 -1.91 6.79 -9.04
N ALA A 199 -1.35 5.79 -9.73
CA ALA A 199 0.09 5.79 -9.98
C ALA A 199 0.45 6.97 -10.87
N ASN A 200 1.46 7.75 -10.48
CA ASN A 200 1.72 8.99 -11.20
C ASN A 200 3.14 9.01 -11.77
N SER A 201 3.45 10.11 -12.46
CA SER A 201 4.66 10.21 -13.27
C SER A 201 5.91 10.52 -12.48
N ASP A 202 5.83 10.81 -11.19
CA ASP A 202 7.03 11.03 -10.40
C ASP A 202 7.86 9.76 -10.36
N ASP A 203 9.19 9.91 -10.36
CA ASP A 203 10.08 8.76 -10.49
C ASP A 203 10.87 8.46 -9.21
N ALA A 204 10.45 8.99 -8.07
CA ALA A 204 11.18 8.76 -6.83
C ALA A 204 10.69 7.49 -6.13
N TYR A 205 11.63 6.71 -5.60
CA TYR A 205 11.34 5.49 -4.86
C TYR A 205 12.10 5.49 -3.54
N LEU A 206 11.58 4.71 -2.59
CA LEU A 206 12.12 4.58 -1.26
C LEU A 206 12.44 3.12 -0.96
N THR A 207 13.38 2.91 -0.05
CA THR A 207 13.69 1.56 0.41
C THR A 207 14.06 1.54 1.89
N GLY A 208 13.73 0.44 2.56
CA GLY A 208 14.18 0.20 3.91
C GLY A 208 15.57 -0.38 3.99
N SER A 209 16.14 -0.79 2.86
CA SER A 209 17.46 -1.42 2.80
C SER A 209 18.43 -0.52 2.03
N LEU A 210 19.38 -1.09 1.29
CA LEU A 210 20.44 -0.32 0.67
C LEU A 210 20.04 0.23 -0.69
N THR A 211 20.65 1.36 -1.06
CA THR A 211 20.41 1.98 -2.35
C THR A 211 21.49 1.64 -3.38
N ASN A 212 22.43 0.75 -3.04
CA ASN A 212 23.58 0.47 -3.89
C ASN A 212 23.59 -0.95 -4.45
N PHE A 213 22.43 -1.62 -4.52
CA PHE A 213 22.43 -2.99 -5.03
C PHE A 213 22.70 -3.04 -6.52
N SER A 214 22.37 -1.97 -7.25
CA SER A 214 22.60 -1.88 -8.69
C SER A 214 22.04 -3.08 -9.43
N GLY A 215 20.79 -3.45 -9.11
CA GLY A 215 20.13 -4.56 -9.75
C GLY A 215 19.19 -4.14 -10.89
N ALA A 216 18.60 -5.16 -11.52
CA ALA A 216 17.66 -4.94 -12.62
C ALA A 216 16.49 -4.07 -12.18
N TYR A 217 16.07 -4.19 -10.93
CA TYR A 217 14.90 -3.46 -10.45
C TYR A 217 15.25 -2.16 -9.73
N THR A 218 16.53 -1.83 -9.60
CA THR A 218 16.94 -0.67 -8.79
C THR A 218 16.64 0.63 -9.54
N PRO A 219 15.86 1.54 -8.97
CA PRO A 219 15.60 2.80 -9.67
C PRO A 219 16.73 3.80 -9.49
N ALA A 220 16.82 4.71 -10.46
CA ALA A 220 17.85 5.74 -10.42
C ALA A 220 17.59 6.74 -9.29
N ASN A 221 16.32 7.05 -9.02
CA ASN A 221 15.95 7.99 -7.97
C ASN A 221 15.51 7.17 -6.75
N TYR A 222 16.42 7.01 -5.78
CA TYR A 222 16.26 6.01 -4.73
C TYR A 222 16.81 6.53 -3.42
N THR A 223 16.00 6.45 -2.36
CA THR A 223 16.36 6.99 -1.06
C THR A 223 16.06 5.97 0.04
N HIS A 224 17.03 5.75 0.91
CA HIS A 224 16.81 4.89 2.07
C HIS A 224 16.03 5.63 3.15
N VAL A 225 15.03 4.96 3.73
CA VAL A 225 14.36 5.44 4.95
C VAL A 225 14.33 4.30 5.96
N ASP A 226 14.71 4.60 7.20
CA ASP A 226 14.73 3.60 8.26
C ASP A 226 13.36 2.96 8.46
N TRP A 227 12.29 3.72 8.27
CA TRP A 227 10.96 3.25 8.65
C TRP A 227 10.34 2.29 7.64
N LEU A 228 11.05 1.94 6.56
CA LEU A 228 10.63 0.85 5.69
C LEU A 228 11.38 -0.43 6.00
N GLY A 229 11.97 -0.52 7.18
CA GLY A 229 12.51 -1.78 7.68
C GLY A 229 12.03 -2.02 9.09
N ARG A 230 11.91 -3.30 9.43
CA ARG A 230 11.55 -3.72 10.78
C ARG A 230 12.44 -4.86 11.20
N ASP A 231 12.72 -4.93 12.50
CA ASP A 231 13.40 -6.10 13.04
C ASP A 231 12.49 -7.31 12.90
N TYR A 232 13.07 -8.45 12.51
CA TYR A 232 12.30 -9.68 12.37
C TYR A 232 13.24 -10.85 12.67
N THR A 233 13.26 -11.28 13.93
CA THR A 233 14.23 -12.28 14.38
C THR A 233 13.60 -13.58 14.84
N GLU A 234 12.27 -13.66 14.95
CA GLU A 234 11.60 -14.93 15.25
C GLU A 234 10.80 -15.31 14.00
N ILE A 235 11.12 -16.48 13.44
CA ILE A 235 10.57 -16.84 12.14
C ILE A 235 9.06 -17.01 12.21
N GLY A 236 8.53 -17.37 13.38
CA GLY A 236 7.11 -17.58 13.53
C GLY A 236 6.30 -16.35 13.90
N ALA A 237 6.92 -15.18 14.01
CA ALA A 237 6.19 -13.98 14.45
C ALA A 237 5.05 -13.64 13.50
N ALA A 238 5.29 -13.72 12.19
CA ALA A 238 4.25 -13.37 11.24
C ALA A 238 3.15 -14.43 11.21
N THR A 239 1.92 -14.01 11.49
CA THR A 239 0.74 -14.86 11.43
C THR A 239 -0.40 -14.09 10.77
N VAL A 240 -1.49 -14.81 10.48
CA VAL A 240 -2.66 -14.16 9.93
C VAL A 240 -3.20 -13.12 10.89
N ASN A 241 -3.12 -13.39 12.19
CA ASN A 241 -3.58 -12.44 13.20
C ASN A 241 -2.57 -11.34 13.48
N THR A 242 -1.28 -11.57 13.22
CA THR A 242 -0.24 -10.59 13.46
C THR A 242 0.61 -10.43 12.20
N PRO A 243 0.05 -9.83 11.14
CA PRO A 243 0.84 -9.64 9.92
C PRO A 243 1.97 -8.66 10.14
N LYS A 244 3.07 -8.86 9.42
CA LYS A 244 4.24 -8.01 9.54
C LYS A 244 4.57 -7.45 8.17
N GLY A 245 4.49 -6.12 8.04
CA GLY A 245 4.71 -5.50 6.75
C GLY A 245 4.62 -3.99 6.75
N PHE A 246 4.18 -3.42 5.62
CA PHE A 246 4.29 -1.99 5.36
C PHE A 246 3.10 -1.50 4.57
N TYR A 247 2.79 -0.21 4.74
CA TYR A 247 1.84 0.47 3.89
C TYR A 247 2.58 1.16 2.75
N VAL A 248 2.00 1.12 1.56
CA VAL A 248 2.63 1.57 0.33
C VAL A 248 1.62 2.27 -0.56
N LEU A 249 2.12 2.95 -1.59
CA LEU A 249 1.30 3.71 -2.53
C LEU A 249 1.30 3.04 -3.91
N GLU A 250 0.33 3.46 -4.75
CA GLU A 250 0.16 2.86 -6.07
C GLU A 250 1.40 3.03 -6.93
N SER A 251 1.71 1.99 -7.69
CA SER A 251 2.93 1.92 -8.48
C SER A 251 2.69 0.94 -9.62
N THR A 252 2.95 1.38 -10.85
CA THR A 252 2.84 0.54 -12.04
C THR A 252 4.22 -0.02 -12.33
N TYR A 253 4.33 -1.35 -12.39
CA TYR A 253 5.67 -1.95 -12.39
C TYR A 253 6.37 -1.79 -13.73
N ALA A 254 5.64 -1.89 -14.84
CA ALA A 254 6.26 -1.75 -16.16
C ALA A 254 6.57 -0.28 -16.41
N GLN A 255 7.86 0.06 -16.42
CA GLN A 255 8.33 1.41 -16.69
C GLN A 255 9.33 1.37 -17.84
N ASN A 256 9.57 2.54 -18.44
CA ASN A 256 10.50 2.60 -19.56
C ASN A 256 11.91 2.22 -19.15
N ALA A 257 12.35 2.66 -17.96
CA ALA A 257 13.69 2.36 -17.49
C ALA A 257 13.88 0.89 -17.12
N GLY A 258 12.79 0.14 -16.97
CA GLY A 258 12.87 -1.24 -16.54
C GLY A 258 11.74 -1.57 -15.57
N LEU A 259 11.66 -2.81 -15.12
CA LEU A 259 10.62 -3.17 -14.16
C LEU A 259 10.93 -2.54 -12.81
N ARG A 260 9.89 -1.98 -12.17
CA ARG A 260 10.02 -1.35 -10.85
C ARG A 260 8.97 -1.95 -9.92
N PRO A 261 9.12 -3.21 -9.56
CA PRO A 261 8.12 -3.87 -8.72
C PRO A 261 8.31 -3.49 -7.25
N THR A 262 7.19 -3.23 -6.57
CA THR A 262 7.23 -3.05 -5.13
C THR A 262 7.49 -4.40 -4.50
N ILE A 263 8.49 -4.47 -3.61
CA ILE A 263 8.98 -5.72 -3.07
C ILE A 263 8.84 -5.73 -1.56
N LEU A 264 8.33 -6.84 -1.03
CA LEU A 264 8.37 -7.15 0.39
C LEU A 264 9.42 -8.24 0.58
N CYS A 265 10.39 -8.00 1.45
CA CYS A 265 11.59 -8.83 1.50
C CYS A 265 11.93 -9.22 2.93
N VAL A 266 12.38 -10.45 3.15
CA VAL A 266 12.95 -10.84 4.44
C VAL A 266 14.43 -11.09 4.23
N LYS A 267 15.23 -10.63 5.19
CA LYS A 267 16.68 -10.74 5.14
C LYS A 267 17.17 -11.42 6.41
N GLY A 268 18.19 -12.25 6.28
CA GLY A 268 18.78 -12.89 7.44
C GLY A 268 20.08 -13.55 7.04
N LYS A 269 20.45 -14.57 7.80
CA LYS A 269 21.69 -15.30 7.54
C LYS A 269 21.40 -16.73 7.12
N LEU A 270 22.06 -17.18 6.07
CA LEU A 270 22.09 -18.60 5.71
C LEU A 270 22.98 -19.33 6.71
N THR A 271 22.46 -20.39 7.33
CA THR A 271 23.17 -21.16 8.34
C THR A 271 23.27 -22.62 7.90
N LYS A 272 23.99 -23.42 8.70
CA LYS A 272 23.90 -24.86 8.55
C LYS A 272 22.48 -25.33 8.90
N HIS A 273 22.17 -26.57 8.55
CA HIS A 273 20.78 -27.03 8.72
C HIS A 273 20.35 -27.03 10.18
N ASP A 274 21.28 -27.20 11.11
CA ASP A 274 20.94 -27.21 12.53
C ASP A 274 21.09 -25.83 13.19
N GLY A 275 21.33 -24.78 12.40
CA GLY A 275 21.44 -23.42 12.92
C GLY A 275 22.86 -22.95 13.18
N ALA A 276 23.84 -23.85 13.17
CA ALA A 276 25.23 -23.46 13.38
C ALA A 276 25.74 -22.64 12.19
N PRO A 277 26.77 -21.82 12.40
CA PRO A 277 27.30 -21.02 11.28
C PRO A 277 27.90 -21.88 10.19
N LEU A 278 27.74 -21.42 8.94
CA LEU A 278 28.41 -22.04 7.81
C LEU A 278 29.93 -21.91 7.96
N SER A 279 30.63 -22.95 7.49
CA SER A 279 32.08 -22.98 7.49
C SER A 279 32.64 -22.06 6.41
N PRO A 280 33.94 -21.73 6.46
CA PRO A 280 34.51 -20.93 5.37
C PRO A 280 34.38 -21.59 4.00
N GLU A 281 34.56 -22.91 3.91
CA GLU A 281 34.40 -23.57 2.62
C GLU A 281 32.95 -23.51 2.14
N GLU A 282 32.00 -23.64 3.06
CA GLU A 282 30.59 -23.52 2.69
C GLU A 282 30.25 -22.11 2.24
N MET A 283 30.80 -21.09 2.92
CA MET A 283 30.51 -19.73 2.50
C MET A 283 31.15 -19.40 1.16
N THR A 284 32.33 -19.95 0.87
CA THR A 284 32.91 -19.79 -0.46
C THR A 284 31.96 -20.33 -1.53
N ALA A 285 31.46 -21.55 -1.34
CA ALA A 285 30.55 -22.12 -2.32
C ALA A 285 29.28 -21.28 -2.45
N ALA A 286 28.72 -20.85 -1.31
CA ALA A 286 27.45 -20.11 -1.33
C ALA A 286 27.63 -18.73 -1.96
N PHE A 287 28.75 -18.06 -1.69
CA PHE A 287 29.03 -16.79 -2.34
C PHE A 287 29.21 -16.97 -3.85
N ASN A 288 29.98 -17.97 -4.26
CA ASN A 288 30.19 -18.23 -5.69
C ASN A 288 28.87 -18.54 -6.40
N ALA A 289 27.89 -19.08 -5.67
CA ALA A 289 26.58 -19.38 -6.25
C ALA A 289 25.66 -18.16 -6.28
N GLY A 290 26.07 -17.04 -5.70
CA GLY A 290 25.25 -15.85 -5.70
C GLY A 290 24.23 -15.79 -4.58
N TRP A 291 24.37 -16.64 -3.57
CA TRP A 291 23.36 -16.76 -2.53
C TRP A 291 23.58 -15.83 -1.35
N ILE A 292 24.84 -15.53 -1.01
CA ILE A 292 25.17 -14.74 0.16
C ILE A 292 26.04 -13.56 -0.24
N VAL A 293 26.08 -12.56 0.65
CA VAL A 293 26.66 -11.26 0.31
C VAL A 293 28.17 -11.36 0.08
N ALA A 294 28.88 -12.16 0.86
CA ALA A 294 30.34 -12.26 0.72
C ALA A 294 30.81 -13.63 1.19
N ASP A 295 32.06 -13.98 0.84
CA ASP A 295 32.56 -15.27 1.32
C ASP A 295 32.85 -15.27 2.83
N ASN A 296 32.67 -14.13 3.51
CA ASN A 296 32.68 -14.06 4.97
C ASN A 296 31.41 -13.40 5.52
N ASP A 297 30.33 -13.36 4.75
CA ASP A 297 29.09 -12.70 5.16
C ASP A 297 27.93 -13.53 4.64
N PRO A 298 27.33 -14.35 5.48
CA PRO A 298 26.26 -15.25 5.01
C PRO A 298 24.89 -14.59 4.90
N THR A 299 24.84 -13.26 4.88
CA THR A 299 23.57 -12.57 4.70
C THR A 299 22.95 -12.99 3.37
N THR A 300 21.63 -13.21 3.39
CA THR A 300 20.88 -13.65 2.22
C THR A 300 19.49 -13.03 2.29
N TYR A 301 18.89 -12.84 1.12
CA TYR A 301 17.62 -12.14 0.98
C TYR A 301 16.59 -13.02 0.27
N TYR A 302 15.34 -12.87 0.68
CA TYR A 302 14.20 -13.51 -0.01
C TYR A 302 13.19 -12.43 -0.37
N PRO A 303 13.22 -11.92 -1.60
CA PRO A 303 12.27 -10.89 -2.03
C PRO A 303 11.02 -11.47 -2.65
N VAL A 304 9.90 -10.79 -2.42
CA VAL A 304 8.61 -11.14 -3.01
C VAL A 304 8.10 -9.92 -3.78
N LEU A 305 7.85 -10.09 -5.07
CA LEU A 305 7.28 -9.04 -5.89
C LEU A 305 5.78 -9.04 -5.66
N VAL A 306 5.25 -7.98 -5.07
CA VAL A 306 3.89 -7.98 -4.57
C VAL A 306 2.90 -7.84 -5.71
N ASN A 307 1.85 -8.67 -5.71
CA ASN A 307 0.78 -8.61 -6.72
C ASN A 307 1.32 -8.81 -8.13
N PHE A 308 2.35 -9.65 -8.24
CA PHE A 308 3.06 -9.90 -9.48
C PHE A 308 2.73 -11.29 -9.99
N ASN A 309 2.71 -11.44 -11.32
CA ASN A 309 2.40 -12.73 -11.92
C ASN A 309 3.69 -13.54 -12.09
N SER A 310 3.84 -14.59 -11.28
CA SER A 310 4.99 -15.48 -11.38
C SER A 310 4.53 -16.91 -11.09
N ASN A 311 5.18 -17.86 -11.78
CA ASN A 311 4.82 -19.28 -11.66
C ASN A 311 4.86 -19.80 -10.22
N ASN A 312 5.77 -19.27 -9.41
CA ASN A 312 5.93 -19.74 -8.04
C ASN A 312 5.08 -18.95 -7.05
N TYR A 313 4.19 -18.07 -7.54
CA TYR A 313 3.23 -17.34 -6.72
C TYR A 313 1.83 -17.83 -7.04
N THR A 314 1.04 -18.14 -6.01
CA THR A 314 -0.37 -18.45 -6.19
C THR A 314 -1.22 -17.48 -5.40
N TYR A 315 -2.39 -17.17 -5.95
CA TYR A 315 -3.33 -16.24 -5.33
C TYR A 315 -4.65 -16.93 -5.04
N ASP A 316 -5.24 -16.59 -3.91
CA ASP A 316 -6.43 -17.28 -3.43
C ASP A 316 -7.65 -16.92 -4.28
N ASN A 317 -8.52 -17.92 -4.47
CA ASN A 317 -9.92 -17.72 -4.91
C ASN A 317 -10.01 -17.12 -6.32
N GLY A 318 -9.15 -17.57 -7.23
CA GLY A 318 -9.24 -17.13 -8.60
C GLY A 318 -8.83 -15.70 -8.87
N TYR A 319 -8.15 -15.05 -7.93
CA TYR A 319 -7.69 -13.69 -8.13
C TYR A 319 -6.56 -13.64 -9.16
N THR A 320 -6.53 -12.58 -9.97
CA THR A 320 -5.52 -12.40 -11.01
C THR A 320 -4.59 -11.26 -10.64
N PRO A 321 -3.29 -11.49 -10.46
CA PRO A 321 -2.40 -10.37 -10.13
C PRO A 321 -2.29 -9.38 -11.28
N LYS A 322 -2.08 -8.11 -10.92
CA LYS A 322 -2.13 -7.01 -11.88
C LYS A 322 -0.77 -6.34 -12.13
N ASN A 323 0.31 -6.82 -11.51
CA ASN A 323 1.64 -6.25 -11.70
C ASN A 323 1.66 -4.77 -11.35
N LYS A 324 1.00 -4.43 -10.25
N LYS A 324 1.00 -4.43 -10.24
CA LYS A 324 1.00 -3.06 -9.73
CA LYS A 324 0.99 -3.07 -9.73
C LYS A 324 0.58 -3.13 -8.26
C LYS A 324 0.59 -3.14 -8.26
N ILE A 325 0.81 -2.04 -7.55
CA ILE A 325 0.20 -1.84 -6.24
C ILE A 325 -1.10 -1.08 -6.50
N GLU A 326 -2.21 -1.64 -6.04
CA GLU A 326 -3.54 -1.02 -6.19
C GLU A 326 -4.04 -0.51 -4.85
N ARG A 327 -4.62 0.69 -4.86
CA ARG A 327 -5.12 1.30 -3.64
C ARG A 327 -6.14 0.39 -2.94
N ASN A 328 -6.20 0.52 -1.61
CA ASN A 328 -7.22 -0.09 -0.76
C ASN A 328 -7.13 -1.61 -0.73
N HIS A 329 -6.00 -2.18 -1.12
CA HIS A 329 -5.83 -3.63 -1.14
C HIS A 329 -4.87 -4.06 -0.04
N LYS A 330 -5.17 -5.22 0.56
CA LYS A 330 -4.25 -5.91 1.46
C LYS A 330 -3.70 -7.11 0.70
N TYR A 331 -2.37 -7.16 0.53
CA TYR A 331 -1.70 -8.30 -0.09
C TYR A 331 -1.00 -9.04 1.05
N ASP A 332 -1.62 -10.14 1.51
CA ASP A 332 -1.10 -10.96 2.60
C ASP A 332 -0.32 -12.14 2.01
N ILE A 333 0.94 -12.27 2.42
CA ILE A 333 1.88 -13.16 1.76
C ILE A 333 2.30 -14.25 2.74
N LYS A 334 2.09 -15.51 2.35
CA LYS A 334 2.69 -16.65 3.04
C LYS A 334 3.89 -17.09 2.22
N LEU A 335 5.09 -16.90 2.78
CA LEU A 335 6.35 -17.17 2.12
C LEU A 335 6.91 -18.49 2.63
N THR A 336 7.19 -19.42 1.70
CA THR A 336 7.89 -20.65 2.03
C THR A 336 9.27 -20.59 1.40
N ILE A 337 10.29 -20.69 2.25
CA ILE A 337 11.69 -20.70 1.80
C ILE A 337 12.07 -22.17 1.57
N THR A 338 12.53 -22.49 0.35
CA THR A 338 12.87 -23.88 0.02
C THR A 338 14.35 -24.09 -0.29
N GLY A 339 15.16 -23.04 -0.24
CA GLY A 339 16.57 -23.18 -0.46
C GLY A 339 17.26 -21.88 -0.15
N PRO A 340 18.49 -21.71 -0.61
CA PRO A 340 19.22 -20.47 -0.35
C PRO A 340 18.54 -19.28 -1.03
N GLY A 341 18.79 -18.11 -0.48
CA GLY A 341 18.28 -16.86 -1.04
C GLY A 341 19.21 -16.29 -2.10
N THR A 342 19.19 -14.96 -2.21
CA THR A 342 20.01 -14.24 -3.17
C THR A 342 20.79 -13.16 -2.44
N ASN A 343 21.93 -12.78 -3.00
CA ASN A 343 22.68 -11.70 -2.36
C ASN A 343 22.29 -10.32 -2.87
N ASN A 344 21.33 -10.24 -3.78
CA ASN A 344 20.88 -8.97 -4.34
C ASN A 344 19.38 -9.05 -4.52
N PRO A 345 18.61 -8.46 -3.60
CA PRO A 345 17.13 -8.58 -3.67
C PRO A 345 16.52 -7.76 -4.78
N GLU A 346 17.30 -6.99 -5.53
CA GLU A 346 16.78 -6.26 -6.67
C GLU A 346 17.24 -6.89 -7.98
N ASN A 347 17.79 -8.11 -7.91
CA ASN A 347 17.99 -9.00 -9.05
C ASN A 347 16.66 -9.36 -9.71
N PRO A 348 16.67 -9.81 -10.96
CA PRO A 348 15.47 -10.39 -11.56
C PRO A 348 14.93 -11.51 -10.68
N ILE A 349 13.60 -11.63 -10.69
CA ILE A 349 12.88 -12.59 -9.84
C ILE A 349 13.37 -14.01 -10.09
N THR A 350 13.83 -14.30 -11.31
CA THR A 350 14.33 -15.64 -11.63
C THR A 350 15.55 -16.03 -10.79
N GLU A 351 16.30 -15.05 -10.26
CA GLU A 351 17.45 -15.34 -9.40
C GLU A 351 17.05 -15.79 -8.01
N SER A 352 15.79 -15.59 -7.62
CA SER A 352 15.31 -16.07 -6.32
C SER A 352 14.58 -17.38 -6.53
N ALA A 353 15.41 -18.40 -6.80
CA ALA A 353 14.93 -19.66 -7.34
C ALA A 353 14.37 -20.61 -6.30
N HIS A 354 14.41 -20.25 -5.01
CA HIS A 354 14.11 -21.22 -3.97
C HIS A 354 13.12 -20.65 -2.95
N LEU A 355 11.98 -20.19 -3.46
CA LEU A 355 10.89 -19.77 -2.59
C LEU A 355 9.60 -19.91 -3.36
N ASN A 356 8.50 -20.02 -2.62
CA ASN A 356 7.19 -19.88 -3.24
C ASN A 356 6.29 -19.08 -2.31
N VAL A 357 5.22 -18.57 -2.90
CA VAL A 357 4.33 -17.59 -2.26
C VAL A 357 2.89 -18.03 -2.45
N LYS A 358 2.12 -17.97 -1.36
CA LYS A 358 0.66 -18.04 -1.41
C LYS A 358 0.15 -16.70 -0.91
N CYS A 359 -0.63 -16.01 -1.73
CA CYS A 359 -1.05 -14.65 -1.43
C CYS A 359 -2.57 -14.58 -1.37
N THR A 360 -3.08 -13.97 -0.30
CA THR A 360 -4.50 -13.71 -0.11
C THR A 360 -4.72 -12.20 -0.21
N VAL A 361 -5.65 -11.79 -1.06
CA VAL A 361 -5.89 -10.38 -1.34
C VAL A 361 -7.28 -10.00 -0.87
N ALA A 362 -7.38 -8.86 -0.19
CA ALA A 362 -8.67 -8.35 0.26
C ALA A 362 -8.66 -6.83 0.15
N GLU A 363 -9.86 -6.26 0.09
CA GLU A 363 -10.04 -4.82 0.12
C GLU A 363 -10.61 -4.39 1.47
N TRP A 364 -10.18 -3.24 1.95
CA TRP A 364 -10.74 -2.70 3.18
C TRP A 364 -12.11 -2.09 2.91
N VAL A 365 -12.93 -2.05 3.95
CA VAL A 365 -14.16 -1.28 3.94
C VAL A 365 -14.09 -0.30 5.12
N LEU A 366 -14.89 0.75 5.02
CA LEU A 366 -14.92 1.73 6.09
C LEU A 366 -15.80 1.22 7.23
N VAL A 367 -15.28 1.23 8.45
CA VAL A 367 -16.08 0.89 9.62
C VAL A 367 -16.50 2.18 10.31
N GLY A 368 -17.69 2.16 10.90
CA GLY A 368 -18.21 3.34 11.56
C GLY A 368 -18.12 3.28 13.07
S SO4 B . -10.94 15.37 -15.99
O1 SO4 B . -11.57 14.10 -16.35
O2 SO4 B . -11.89 16.47 -16.18
O3 SO4 B . -9.76 15.55 -16.83
O4 SO4 B . -10.56 15.29 -14.59
S SO4 C . 0.57 12.39 -13.45
O1 SO4 C . -0.66 12.60 -12.69
O2 SO4 C . 0.47 13.10 -14.72
O3 SO4 C . 1.71 12.89 -12.68
O4 SO4 C . 0.75 10.96 -13.71
#